data_1WER
#
_entry.id   1WER
#
_cell.length_a   42.200
_cell.length_b   55.600
_cell.length_c   142.200
_cell.angle_alpha   90.00
_cell.angle_beta   90.00
_cell.angle_gamma   90.00
#
_symmetry.space_group_name_H-M   'P 21 21 21'
#
loop_
_entity.id
_entity.type
_entity.pdbx_description
1 polymer P120GAP
2 water water
#
_entity_poly.entity_id   1
_entity_poly.type   'polypeptide(L)'
_entity_poly.pdbx_seq_one_letter_code
;MEKIMPEEEYSEFKELILQKELHVVYALSHVCGQDRTLLASILLRIFLHEKLESLLLCTLNDREISMEDEATTLFRATTL
ASTLMEQYMKATATQFVHHALKDSILKIMESKQSCELSPSKLEKNEDVNTNLTHLLNILSELVEKIFMASEILPPTLRYI
YGCLQKSVQHKWPTNTTMRTRVVSGFVFLRLICPAILNPRMFNIISDSPSPIAARTLILVAKSVQNLANLVEFGAKEPYM
EGVNPFIKSNKHRMIMFLDELGNVPELPDTTEHSRTDLSRDLAALHEICVAHSDELRTLSNERGAQQHVLKKLLAITELL
QQKQNQYTKTNDVR
;
_entity_poly.pdbx_strand_id   A
#
# COMPACT_ATOMS: atom_id res chain seq x y z
N MET A 5 -9.75 -9.56 -29.08
CA MET A 5 -9.01 -10.38 -30.08
C MET A 5 -8.25 -11.49 -29.36
N PRO A 6 -7.79 -12.50 -30.12
CA PRO A 6 -6.88 -13.53 -29.56
C PRO A 6 -5.69 -12.91 -28.83
N GLU A 7 -5.27 -13.55 -27.74
CA GLU A 7 -4.19 -13.04 -26.89
C GLU A 7 -2.94 -12.72 -27.69
N GLU A 8 -2.65 -13.56 -28.69
CA GLU A 8 -1.48 -13.39 -29.53
C GLU A 8 -1.48 -12.06 -30.27
N GLU A 9 -2.66 -11.55 -30.61
CA GLU A 9 -2.76 -10.29 -31.32
C GLU A 9 -2.31 -9.08 -30.48
N TYR A 10 -2.17 -9.27 -29.16
CA TYR A 10 -1.75 -8.20 -28.27
C TYR A 10 -0.29 -8.31 -27.88
N SER A 11 0.43 -9.29 -28.43
CA SER A 11 1.78 -9.61 -27.97
C SER A 11 2.82 -8.50 -28.22
N GLU A 12 2.60 -7.70 -29.27
CA GLU A 12 3.43 -6.53 -29.54
C GLU A 12 3.20 -5.41 -28.51
N PHE A 13 1.93 -5.12 -28.23
CA PHE A 13 1.55 -4.13 -27.24
C PHE A 13 2.08 -4.53 -25.87
N LYS A 14 1.99 -5.82 -25.55
CA LYS A 14 2.39 -6.31 -24.25
C LYS A 14 3.90 -6.23 -24.00
N GLU A 15 4.71 -6.48 -25.02
CA GLU A 15 6.15 -6.44 -24.81
C GLU A 15 6.66 -5.02 -24.65
N LEU A 16 5.94 -4.08 -25.24
CA LEU A 16 6.16 -2.66 -25.00
C LEU A 16 5.89 -2.30 -23.53
N ILE A 17 4.74 -2.74 -23.01
CA ILE A 17 4.33 -2.41 -21.64
C ILE A 17 5.27 -2.98 -20.58
N LEU A 18 5.81 -4.17 -20.85
CA LEU A 18 6.64 -4.86 -19.87
C LEU A 18 8.12 -4.45 -19.89
N GLN A 19 8.48 -3.52 -20.77
CA GLN A 19 9.86 -3.04 -20.83
C GLN A 19 10.29 -2.36 -19.51
N LYS A 20 11.54 -2.59 -19.14
CA LYS A 20 12.06 -2.23 -17.82
C LYS A 20 12.05 -0.74 -17.50
N GLU A 21 12.10 0.10 -18.54
CA GLU A 21 12.11 1.54 -18.36
C GLU A 21 10.73 2.10 -18.00
N LEU A 22 9.70 1.29 -18.23
CA LEU A 22 8.32 1.65 -17.88
C LEU A 22 7.81 2.97 -18.48
N HIS A 23 8.28 3.31 -19.67
CA HIS A 23 7.87 4.57 -20.29
C HIS A 23 6.39 4.60 -20.64
N VAL A 24 5.82 3.47 -21.05
CA VAL A 24 4.38 3.40 -21.32
C VAL A 24 3.59 3.57 -20.04
N VAL A 25 4.00 2.90 -18.97
CA VAL A 25 3.35 3.03 -17.68
C VAL A 25 3.34 4.48 -17.17
N TYR A 26 4.46 5.17 -17.34
CA TYR A 26 4.57 6.57 -16.94
C TYR A 26 3.66 7.49 -17.74
N ALA A 27 3.59 7.26 -19.05
CA ALA A 27 2.73 8.05 -19.92
C ALA A 27 1.27 7.83 -19.56
N LEU A 28 0.92 6.58 -19.29
CA LEU A 28 -0.44 6.22 -18.90
C LEU A 28 -0.84 6.85 -17.57
N SER A 29 0.08 6.84 -16.60
CA SER A 29 -0.24 7.42 -15.31
C SER A 29 -0.42 8.92 -15.44
N HIS A 30 0.30 9.53 -16.36
CA HIS A 30 0.12 10.94 -16.64
C HIS A 30 -1.28 11.24 -17.19
N VAL A 31 -1.66 10.55 -18.26
CA VAL A 31 -2.91 10.87 -18.95
C VAL A 31 -4.14 10.46 -18.16
N CYS A 32 -3.99 9.45 -17.32
CA CYS A 32 -5.04 9.01 -16.42
C CYS A 32 -4.92 9.80 -15.12
N GLY A 33 -5.82 10.77 -14.93
CA GLY A 33 -5.76 11.61 -13.73
C GLY A 33 -6.55 11.04 -12.57
N GLN A 34 -7.87 11.12 -12.65
CA GLN A 34 -8.76 10.61 -11.61
C GLN A 34 -8.71 9.10 -11.57
N ASP A 35 -8.66 8.48 -12.75
CA ASP A 35 -8.87 7.04 -12.88
C ASP A 35 -7.60 6.22 -12.70
N ARG A 36 -6.77 6.69 -11.78
CA ARG A 36 -5.69 5.95 -11.18
C ARG A 36 -6.12 4.54 -10.76
N THR A 37 -7.29 4.45 -10.15
CA THR A 37 -7.81 3.21 -9.59
C THR A 37 -7.92 2.11 -10.65
N LEU A 38 -8.56 2.44 -11.76
CA LEU A 38 -8.71 1.52 -12.88
C LEU A 38 -7.35 1.12 -13.48
N LEU A 39 -6.54 2.11 -13.82
CA LEU A 39 -5.20 1.86 -14.36
C LEU A 39 -4.40 0.93 -13.45
N ALA A 40 -4.42 1.22 -12.15
CA ALA A 40 -3.69 0.41 -11.17
C ALA A 40 -4.12 -1.06 -11.23
N SER A 41 -5.43 -1.29 -11.26
CA SER A 41 -6.01 -2.63 -11.28
C SER A 41 -5.52 -3.42 -12.48
N ILE A 42 -5.55 -2.79 -13.66
CA ILE A 42 -5.21 -3.45 -14.91
C ILE A 42 -3.72 -3.74 -14.92
N LEU A 43 -2.92 -2.74 -14.55
CA LEU A 43 -1.47 -2.88 -14.56
C LEU A 43 -1.01 -3.96 -13.60
N LEU A 44 -1.61 -4.00 -12.41
CA LEU A 44 -1.22 -5.01 -11.43
C LEU A 44 -1.54 -6.43 -11.89
N ARG A 45 -2.72 -6.63 -12.48
CA ARG A 45 -3.06 -7.93 -13.05
C ARG A 45 -2.11 -8.34 -14.19
N ILE A 46 -1.75 -7.40 -15.06
CA ILE A 46 -0.85 -7.71 -16.16
C ILE A 46 0.52 -8.10 -15.63
N PHE A 47 1.08 -7.29 -14.73
CA PHE A 47 2.43 -7.52 -14.24
C PHE A 47 2.50 -8.72 -13.31
N LEU A 48 1.42 -8.98 -12.59
CA LEU A 48 1.32 -10.16 -11.75
C LEU A 48 1.32 -11.42 -12.60
N HIS A 49 0.54 -11.40 -13.67
CA HIS A 49 0.43 -12.53 -14.59
C HIS A 49 1.81 -12.94 -15.08
N GLU A 50 2.71 -11.96 -15.26
CA GLU A 50 4.01 -12.18 -15.87
C GLU A 50 5.12 -12.37 -14.84
N LYS A 51 4.75 -12.37 -13.56
CA LYS A 51 5.72 -12.47 -12.47
C LYS A 51 6.67 -11.27 -12.46
N LEU A 52 6.15 -10.11 -12.84
CA LEU A 52 6.93 -8.89 -12.89
C LEU A 52 6.35 -7.79 -11.96
N GLU A 53 5.57 -8.21 -10.97
CA GLU A 53 4.99 -7.27 -9.99
C GLU A 53 6.06 -6.46 -9.25
N SER A 54 7.21 -7.07 -8.97
CA SER A 54 8.32 -6.36 -8.33
C SER A 54 8.94 -5.33 -9.24
N LEU A 55 9.11 -5.64 -10.52
CA LEU A 55 9.61 -4.69 -11.49
C LEU A 55 8.75 -3.43 -11.50
N LEU A 56 7.43 -3.63 -11.54
CA LEU A 56 6.49 -2.52 -11.53
C LEU A 56 6.54 -1.70 -10.24
N LEU A 57 6.38 -2.38 -9.09
CA LEU A 57 6.28 -1.71 -7.81
C LEU A 57 7.61 -1.07 -7.39
N CYS A 58 8.69 -1.83 -7.54
CA CYS A 58 10.00 -1.35 -7.11
C CYS A 58 10.46 -0.16 -7.92
N THR A 59 10.16 -0.19 -9.23
CA THR A 59 10.54 0.90 -10.12
C THR A 59 9.76 2.18 -9.81
N LEU A 60 8.44 2.06 -9.66
CA LEU A 60 7.60 3.21 -9.36
C LEU A 60 7.92 3.81 -7.99
N ASN A 61 8.25 2.94 -7.03
CA ASN A 61 8.60 3.39 -5.68
C ASN A 61 9.89 4.17 -5.70
N ASP A 62 10.88 3.67 -6.44
CA ASP A 62 12.16 4.35 -6.52
C ASP A 62 12.03 5.70 -7.23
N ARG A 63 11.11 5.77 -8.19
CA ARG A 63 10.85 7.02 -8.90
C ARG A 63 10.23 8.06 -7.97
N GLU A 64 9.26 7.67 -7.14
CA GLU A 64 8.71 8.57 -6.13
C GLU A 64 9.79 9.06 -5.16
N ILE A 65 10.62 8.15 -4.66
CA ILE A 65 11.68 8.50 -3.73
C ILE A 65 12.67 9.51 -4.35
N SER A 66 13.02 9.31 -5.60
CA SER A 66 13.96 10.20 -6.29
C SER A 66 13.39 11.61 -6.49
N MET A 67 12.09 11.70 -6.67
CA MET A 67 11.43 12.99 -6.90
C MET A 67 11.09 13.75 -5.63
N GLU A 68 11.27 13.13 -4.47
CA GLU A 68 10.88 13.76 -3.22
C GLU A 68 11.98 14.68 -2.70
N ASP A 69 11.64 15.95 -2.48
CA ASP A 69 12.61 16.92 -2.00
C ASP A 69 12.45 17.24 -0.52
N GLU A 70 11.59 16.49 0.16
CA GLU A 70 11.46 16.59 1.60
C GLU A 70 11.06 15.23 2.17
N ALA A 71 11.98 14.61 2.90
CA ALA A 71 11.82 13.23 3.35
C ALA A 71 10.62 13.05 4.29
N THR A 72 10.17 14.14 4.90
CA THR A 72 9.06 14.08 5.85
C THR A 72 7.73 13.84 5.15
N THR A 73 7.65 14.18 3.87
CA THR A 73 6.40 14.01 3.14
C THR A 73 6.40 12.78 2.23
N LEU A 74 7.38 11.90 2.41
CA LEU A 74 7.55 10.79 1.47
C LEU A 74 6.35 9.85 1.46
N PHE A 75 5.79 9.67 0.27
CA PHE A 75 4.67 8.76 0.04
C PHE A 75 3.34 9.19 0.68
N ARG A 76 3.23 10.45 1.09
CA ARG A 76 2.00 10.92 1.71
C ARG A 76 0.89 11.15 0.68
N ALA A 77 1.27 11.63 -0.49
CA ALA A 77 0.30 11.92 -1.55
C ALA A 77 -0.26 10.63 -2.16
N THR A 78 -1.45 10.72 -2.75
CA THR A 78 -2.05 9.60 -3.48
C THR A 78 -1.41 9.55 -4.88
N THR A 79 -0.64 8.51 -5.15
CA THR A 79 0.00 8.35 -6.44
C THR A 79 -0.32 6.98 -7.05
N LEU A 80 0.05 6.77 -8.32
CA LEU A 80 -0.04 5.44 -8.89
C LEU A 80 0.77 4.45 -8.06
N ALA A 81 1.96 4.87 -7.63
CA ALA A 81 2.83 4.03 -6.82
C ALA A 81 2.14 3.56 -5.53
N SER A 82 1.56 4.51 -4.79
CA SER A 82 0.95 4.18 -3.51
C SER A 82 -0.32 3.36 -3.72
N THR A 83 -1.03 3.63 -4.82
CA THR A 83 -2.25 2.91 -5.14
C THR A 83 -1.96 1.46 -5.54
N LEU A 84 -0.89 1.27 -6.31
CA LEU A 84 -0.41 -0.06 -6.63
C LEU A 84 0.00 -0.84 -5.38
N MET A 85 0.73 -0.18 -4.48
CA MET A 85 1.15 -0.84 -3.26
C MET A 85 -0.06 -1.29 -2.40
N GLU A 86 -1.08 -0.44 -2.32
CA GLU A 86 -2.27 -0.76 -1.53
C GLU A 86 -3.04 -1.94 -2.12
N GLN A 87 -3.25 -1.92 -3.43
CA GLN A 87 -3.90 -3.03 -4.13
C GLN A 87 -3.08 -4.31 -3.99
N TYR A 88 -1.77 -4.20 -4.08
CA TYR A 88 -0.92 -5.37 -4.03
C TYR A 88 -0.95 -6.00 -2.64
N MET A 89 -0.83 -5.17 -1.62
CA MET A 89 -0.87 -5.64 -0.24
C MET A 89 -2.23 -6.24 0.08
N LYS A 90 -3.28 -5.64 -0.46
CA LYS A 90 -4.63 -6.17 -0.27
C LYS A 90 -4.73 -7.58 -0.86
N ALA A 91 -4.14 -7.76 -2.04
CA ALA A 91 -4.20 -9.04 -2.74
C ALA A 91 -3.37 -10.14 -2.08
N THR A 92 -2.30 -9.76 -1.39
CA THR A 92 -1.32 -10.75 -0.94
C THR A 92 -1.10 -10.85 0.58
N ALA A 93 -1.47 -9.81 1.32
CA ALA A 93 -1.13 -9.76 2.75
C ALA A 93 -2.28 -10.09 3.69
N THR A 94 -3.32 -10.76 3.16
CA THR A 94 -4.50 -11.09 3.96
C THR A 94 -4.17 -11.99 5.16
N GLN A 95 -3.26 -12.95 4.97
CA GLN A 95 -2.91 -13.86 6.05
C GLN A 95 -2.13 -13.15 7.16
N PHE A 96 -1.27 -12.21 6.76
CA PHE A 96 -0.58 -11.38 7.73
C PHE A 96 -1.59 -10.55 8.50
N VAL A 97 -2.51 -9.90 7.79
CA VAL A 97 -3.50 -9.03 8.42
C VAL A 97 -4.39 -9.82 9.40
N HIS A 98 -4.77 -11.04 9.02
CA HIS A 98 -5.57 -11.88 9.91
C HIS A 98 -4.77 -12.33 11.13
N HIS A 99 -3.56 -12.83 10.89
CA HIS A 99 -2.68 -13.22 11.99
C HIS A 99 -2.41 -12.07 12.95
N ALA A 100 -2.21 -10.87 12.40
CA ALA A 100 -1.93 -9.68 13.20
C ALA A 100 -3.13 -9.18 13.99
N LEU A 101 -4.32 -9.19 13.36
CA LEU A 101 -5.44 -8.37 13.82
C LEU A 101 -6.71 -9.11 14.23
N LYS A 102 -6.97 -10.26 13.61
CA LYS A 102 -8.28 -10.91 13.76
C LYS A 102 -8.74 -11.14 15.20
N ASP A 103 -7.90 -11.79 16.00
CA ASP A 103 -8.23 -12.11 17.38
C ASP A 103 -8.48 -10.87 18.24
N SER A 104 -7.65 -9.85 18.07
CA SER A 104 -7.80 -8.62 18.83
C SER A 104 -9.11 -7.91 18.48
N ILE A 105 -9.42 -7.86 17.19
CA ILE A 105 -10.62 -7.18 16.72
C ILE A 105 -11.90 -7.91 17.13
N LEU A 106 -11.90 -9.24 17.07
CA LEU A 106 -13.08 -10.01 17.46
C LEU A 106 -13.36 -9.88 18.95
N LYS A 107 -12.31 -9.77 19.75
CA LYS A 107 -12.45 -9.49 21.18
C LYS A 107 -13.06 -8.10 21.42
N ILE A 108 -12.58 -7.10 20.69
CA ILE A 108 -13.10 -5.74 20.80
C ILE A 108 -14.59 -5.70 20.42
N MET A 109 -14.95 -6.41 19.35
CA MET A 109 -16.34 -6.48 18.89
C MET A 109 -17.27 -7.04 19.96
N GLU A 110 -16.73 -7.89 20.81
CA GLU A 110 -17.52 -8.62 21.80
C GLU A 110 -17.48 -7.95 23.16
N SER A 111 -16.62 -6.95 23.30
CA SER A 111 -16.34 -6.37 24.60
C SER A 111 -17.33 -5.30 24.97
N LYS A 112 -17.66 -5.27 26.25
CA LYS A 112 -18.57 -4.27 26.82
C LYS A 112 -17.76 -3.19 27.55
N GLN A 113 -16.44 -3.39 27.66
CA GLN A 113 -15.58 -2.47 28.41
C GLN A 113 -15.06 -1.32 27.54
N SER A 114 -15.30 -0.11 28.02
CA SER A 114 -14.96 1.11 27.31
C SER A 114 -13.46 1.39 27.36
N CYS A 115 -12.96 2.05 26.32
CA CYS A 115 -11.60 2.58 26.30
C CYS A 115 -11.67 4.11 26.22
N GLU A 116 -12.86 4.66 26.45
CA GLU A 116 -13.09 6.10 26.36
C GLU A 116 -12.18 6.91 27.27
N LEU A 117 -11.43 7.84 26.68
CA LEU A 117 -10.45 8.62 27.42
C LEU A 117 -10.85 10.08 27.55
N SER A 118 -11.79 10.51 26.72
CA SER A 118 -12.35 11.86 26.79
C SER A 118 -13.37 11.96 27.93
N PRO A 119 -13.00 12.62 29.04
CA PRO A 119 -13.86 12.72 30.22
C PRO A 119 -15.27 13.24 29.92
N SER A 120 -15.37 14.15 28.95
CA SER A 120 -16.65 14.73 28.57
C SER A 120 -17.54 13.72 27.86
N LYS A 121 -16.93 12.71 27.26
CA LYS A 121 -17.69 11.63 26.62
C LYS A 121 -18.05 10.51 27.59
N LEU A 122 -17.64 10.64 28.85
CA LEU A 122 -18.01 9.68 29.88
C LEU A 122 -19.47 9.83 30.28
N GLU A 123 -19.98 11.06 30.22
CA GLU A 123 -21.39 11.36 30.47
C GLU A 123 -21.94 10.72 31.75
N LYS A 124 -22.44 9.49 31.65
CA LYS A 124 -23.03 8.82 32.81
C LYS A 124 -22.07 7.86 33.53
N ASN A 125 -21.07 8.42 34.18
CA ASN A 125 -20.35 7.76 35.27
C ASN A 125 -19.60 6.47 34.92
N GLU A 126 -18.40 6.64 34.39
CA GLU A 126 -17.38 5.59 34.43
C GLU A 126 -16.03 6.26 34.70
N ASP A 127 -14.95 5.48 34.67
CA ASP A 127 -13.65 5.96 35.14
C ASP A 127 -12.60 5.92 34.03
N VAL A 128 -12.07 7.08 33.64
CA VAL A 128 -11.03 7.14 32.62
C VAL A 128 -9.83 6.26 32.94
N ASN A 129 -9.42 6.23 34.21
CA ASN A 129 -8.28 5.41 34.64
C ASN A 129 -8.50 3.95 34.29
N THR A 130 -9.72 3.47 34.55
CA THR A 130 -10.09 2.09 34.23
C THR A 130 -10.11 1.91 32.73
N ASN A 131 -10.60 2.92 32.02
CA ASN A 131 -10.65 2.89 30.56
C ASN A 131 -9.25 2.90 29.94
N LEU A 132 -8.29 3.51 30.64
CA LEU A 132 -6.93 3.60 30.14
C LEU A 132 -6.21 2.29 30.36
N THR A 133 -6.36 1.71 31.55
CA THR A 133 -5.69 0.45 31.85
C THR A 133 -6.13 -0.59 30.82
N HIS A 134 -7.43 -0.60 30.53
CA HIS A 134 -7.99 -1.49 29.54
C HIS A 134 -7.41 -1.27 28.14
N LEU A 135 -7.41 -0.03 27.66
CA LEU A 135 -6.81 0.31 26.37
C LEU A 135 -5.34 -0.11 26.28
N LEU A 136 -4.59 0.13 27.35
CA LEU A 136 -3.19 -0.26 27.40
C LEU A 136 -2.99 -1.78 27.36
N ASN A 137 -3.91 -2.53 27.98
CA ASN A 137 -3.90 -3.99 27.89
C ASN A 137 -4.18 -4.47 26.46
N ILE A 138 -5.19 -3.89 25.83
CA ILE A 138 -5.52 -4.15 24.43
C ILE A 138 -4.31 -3.90 23.55
N LEU A 139 -3.67 -2.75 23.75
CA LEU A 139 -2.53 -2.33 22.94
C LEU A 139 -1.32 -3.24 23.06
N SER A 140 -0.99 -3.67 24.27
CA SER A 140 0.10 -4.60 24.50
C SER A 140 -0.10 -5.89 23.75
N GLU A 141 -1.26 -6.52 23.98
CA GLU A 141 -1.58 -7.80 23.32
C GLU A 141 -1.53 -7.67 21.81
N LEU A 142 -2.11 -6.58 21.30
CA LEU A 142 -2.19 -6.34 19.86
C LEU A 142 -0.83 -6.17 19.22
N VAL A 143 0.00 -5.33 19.83
CA VAL A 143 1.29 -4.97 19.28
C VAL A 143 2.22 -6.18 19.27
N GLU A 144 2.08 -7.05 20.26
CA GLU A 144 2.78 -8.32 20.25
C GLU A 144 2.33 -9.22 19.10
N LYS A 145 1.02 -9.28 18.84
CA LYS A 145 0.51 -10.07 17.71
C LYS A 145 0.96 -9.54 16.36
N ILE A 146 1.06 -8.22 16.24
CA ILE A 146 1.51 -7.60 14.99
C ILE A 146 2.98 -7.90 14.77
N PHE A 147 3.80 -7.66 15.79
CA PHE A 147 5.25 -7.80 15.64
C PHE A 147 5.64 -9.25 15.34
N MET A 148 4.97 -10.20 15.99
CA MET A 148 5.28 -11.61 15.83
C MET A 148 4.66 -12.19 14.55
N ALA A 149 3.86 -11.39 13.85
CA ALA A 149 3.34 -11.78 12.54
C ALA A 149 4.30 -11.46 11.40
N SER A 150 5.48 -10.94 11.74
CA SER A 150 6.49 -10.56 10.75
C SER A 150 6.74 -11.62 9.65
N GLU A 151 6.99 -12.86 10.07
CA GLU A 151 7.35 -13.94 9.15
C GLU A 151 6.18 -14.35 8.26
N ILE A 152 4.96 -13.97 8.64
CA ILE A 152 3.77 -14.29 7.86
C ILE A 152 3.67 -13.42 6.60
N LEU A 153 4.19 -12.21 6.66
CA LEU A 153 4.20 -11.32 5.50
C LEU A 153 4.96 -11.98 4.35
N PRO A 154 4.34 -12.02 3.15
CA PRO A 154 4.91 -12.76 2.03
C PRO A 154 6.29 -12.23 1.66
N PRO A 155 7.19 -13.12 1.19
CA PRO A 155 8.59 -12.80 0.94
C PRO A 155 8.75 -11.71 -0.12
N THR A 156 7.91 -11.76 -1.14
CA THR A 156 8.00 -10.80 -2.24
C THR A 156 7.70 -9.39 -1.73
N LEU A 157 6.69 -9.25 -0.88
CA LEU A 157 6.37 -7.96 -0.29
C LEU A 157 7.52 -7.48 0.61
N ARG A 158 8.11 -8.39 1.38
CA ARG A 158 9.25 -8.03 2.20
C ARG A 158 10.45 -7.61 1.35
N TYR A 159 10.62 -8.24 0.19
CA TYR A 159 11.65 -7.88 -0.76
C TYR A 159 11.41 -6.47 -1.32
N ILE A 160 10.16 -6.17 -1.64
CA ILE A 160 9.77 -4.83 -2.09
C ILE A 160 10.02 -3.77 -1.02
N TYR A 161 9.78 -4.13 0.24
CA TYR A 161 10.14 -3.28 1.39
C TYR A 161 11.65 -3.05 1.50
N GLY A 162 12.43 -4.12 1.34
CA GLY A 162 13.88 -4.01 1.36
C GLY A 162 14.40 -3.08 0.26
N CYS A 163 13.70 -3.06 -0.86
CA CYS A 163 14.07 -2.17 -1.96
C CYS A 163 13.75 -0.72 -1.64
N LEU A 164 12.64 -0.48 -0.94
CA LEU A 164 12.33 0.87 -0.44
C LEU A 164 13.45 1.35 0.48
N GLN A 165 13.92 0.45 1.34
CA GLN A 165 14.97 0.76 2.30
C GLN A 165 16.29 1.13 1.60
N LYS A 166 16.72 0.32 0.64
CA LYS A 166 17.93 0.62 -0.11
C LYS A 166 17.78 1.94 -0.87
N SER A 167 16.57 2.21 -1.35
CA SER A 167 16.32 3.46 -2.08
C SER A 167 16.41 4.72 -1.22
N VAL A 168 15.85 4.70 -0.01
CA VAL A 168 15.90 5.91 0.82
C VAL A 168 17.28 6.13 1.43
N GLN A 169 18.02 5.05 1.63
CA GLN A 169 19.40 5.14 2.12
C GLN A 169 20.28 5.84 1.11
N HIS A 170 20.03 5.58 -0.16
CA HIS A 170 20.78 6.16 -1.27
C HIS A 170 20.43 7.65 -1.39
N LYS A 171 19.15 7.96 -1.24
CA LYS A 171 18.65 9.32 -1.42
C LYS A 171 19.02 10.23 -0.26
N TRP A 172 18.92 9.73 0.97
CA TRP A 172 19.26 10.53 2.15
C TRP A 172 20.27 9.81 3.04
N PRO A 173 21.56 9.82 2.65
CA PRO A 173 22.58 8.98 3.29
C PRO A 173 22.94 9.33 4.74
N THR A 174 22.64 10.56 5.18
CA THR A 174 22.93 10.90 6.58
C THR A 174 21.69 10.85 7.44
N ASN A 175 20.56 10.53 6.82
CA ASN A 175 19.31 10.32 7.55
C ASN A 175 19.18 8.84 7.88
N THR A 176 19.42 8.47 9.13
CA THR A 176 19.40 7.06 9.53
C THR A 176 18.01 6.57 9.95
N THR A 177 17.00 7.40 9.69
CA THR A 177 15.67 7.18 10.23
C THR A 177 14.73 6.71 9.12
N MET A 178 15.05 7.06 7.88
CA MET A 178 14.15 6.78 6.78
C MET A 178 13.91 5.30 6.49
N ARG A 179 14.91 4.44 6.75
CA ARG A 179 14.78 3.03 6.39
C ARG A 179 13.68 2.32 7.18
N THR A 180 13.34 2.84 8.35
CA THR A 180 12.20 2.30 9.09
C THR A 180 10.94 3.08 8.78
N ARG A 181 11.07 4.39 8.57
CA ARG A 181 9.90 5.22 8.31
C ARG A 181 9.19 4.88 6.99
N VAL A 182 9.97 4.56 5.97
CA VAL A 182 9.40 4.28 4.67
C VAL A 182 8.64 2.95 4.67
N VAL A 183 9.06 2.03 5.53
CA VAL A 183 8.35 0.76 5.65
C VAL A 183 7.07 0.95 6.45
N SER A 184 7.15 1.77 7.50
CA SER A 184 5.99 2.07 8.34
C SER A 184 4.84 2.69 7.52
N GLY A 185 5.20 3.56 6.58
CA GLY A 185 4.21 4.25 5.77
C GLY A 185 3.37 3.31 4.92
N PHE A 186 3.85 2.10 4.68
CA PHE A 186 3.06 1.13 3.93
C PHE A 186 2.35 0.13 4.81
N VAL A 187 3.09 -0.46 5.74
CA VAL A 187 2.55 -1.54 6.53
C VAL A 187 1.62 -1.06 7.65
N PHE A 188 1.75 0.20 8.06
CA PHE A 188 0.82 0.75 9.05
C PHE A 188 -0.14 1.79 8.46
N LEU A 189 0.38 2.91 7.97
CA LEU A 189 -0.50 3.95 7.46
C LEU A 189 -1.39 3.46 6.31
N ARG A 190 -0.90 2.52 5.52
CA ARG A 190 -1.65 2.06 4.35
C ARG A 190 -2.08 0.59 4.36
N LEU A 191 -1.91 -0.08 5.50
CA LEU A 191 -2.40 -1.46 5.63
C LEU A 191 -3.09 -1.71 6.97
N ILE A 192 -2.29 -1.78 8.03
CA ILE A 192 -2.78 -2.17 9.35
C ILE A 192 -3.77 -1.15 9.95
N CYS A 193 -3.45 0.14 9.88
CA CYS A 193 -4.31 1.13 10.50
C CYS A 193 -5.68 1.32 9.81
N PRO A 194 -5.72 1.28 8.45
CA PRO A 194 -7.03 1.19 7.78
C PRO A 194 -7.85 -0.05 8.16
N ALA A 195 -7.17 -1.18 8.35
CA ALA A 195 -7.84 -2.43 8.67
C ALA A 195 -8.46 -2.43 10.07
N ILE A 196 -7.79 -1.77 11.02
CA ILE A 196 -8.35 -1.58 12.34
C ILE A 196 -9.54 -0.62 12.33
N LEU A 197 -9.44 0.43 11.53
CA LEU A 197 -10.52 1.41 11.40
C LEU A 197 -11.75 0.85 10.70
N ASN A 198 -11.55 0.01 9.70
CA ASN A 198 -12.67 -0.66 9.03
C ASN A 198 -12.33 -2.13 8.81
N PRO A 199 -12.59 -2.98 9.80
CA PRO A 199 -12.18 -4.39 9.73
C PRO A 199 -12.95 -5.18 8.67
N ARG A 200 -13.99 -4.57 8.09
CA ARG A 200 -14.75 -5.19 7.02
C ARG A 200 -13.97 -5.37 5.72
N MET A 201 -13.02 -4.47 5.45
CA MET A 201 -12.35 -4.50 4.17
C MET A 201 -11.36 -5.64 4.01
N PHE A 202 -10.97 -6.25 5.13
CA PHE A 202 -10.26 -7.52 5.10
C PHE A 202 -11.16 -8.64 5.63
N ASN A 203 -12.46 -8.36 5.68
CA ASN A 203 -13.47 -9.33 6.07
C ASN A 203 -13.22 -9.96 7.42
N ILE A 204 -12.60 -9.18 8.30
CA ILE A 204 -12.40 -9.60 9.68
C ILE A 204 -13.77 -9.61 10.36
N ILE A 205 -14.59 -8.63 10.01
CA ILE A 205 -15.90 -8.49 10.64
C ILE A 205 -17.02 -8.42 9.60
N SER A 206 -18.23 -8.76 10.04
CA SER A 206 -19.39 -8.92 9.15
C SER A 206 -20.45 -7.87 9.43
N ASP A 207 -20.54 -7.45 10.69
CA ASP A 207 -21.55 -6.50 11.12
C ASP A 207 -20.86 -5.24 11.63
N SER A 208 -21.55 -4.10 11.51
CA SER A 208 -21.03 -2.84 12.01
C SER A 208 -20.79 -2.91 13.51
N PRO A 209 -19.63 -2.39 13.96
CA PRO A 209 -19.31 -2.42 15.39
C PRO A 209 -20.33 -1.67 16.24
N SER A 210 -20.53 -2.12 17.46
CA SER A 210 -21.32 -1.40 18.45
C SER A 210 -20.63 -0.05 18.72
N PRO A 211 -21.35 0.91 19.31
CA PRO A 211 -20.71 2.20 19.57
C PRO A 211 -19.42 2.11 20.40
N ILE A 212 -19.42 1.27 21.44
CA ILE A 212 -18.22 1.12 22.27
C ILE A 212 -17.06 0.48 21.49
N ALA A 213 -17.38 -0.52 20.67
CA ALA A 213 -16.38 -1.14 19.81
C ALA A 213 -15.85 -0.16 18.77
N ALA A 214 -16.73 0.67 18.23
CA ALA A 214 -16.35 1.63 17.20
C ALA A 214 -15.34 2.64 17.75
N ARG A 215 -15.59 3.10 18.97
CA ARG A 215 -14.73 4.07 19.62
C ARG A 215 -13.36 3.44 19.93
N THR A 216 -13.38 2.22 20.44
CA THR A 216 -12.17 1.50 20.77
C THR A 216 -11.31 1.28 19.51
N LEU A 217 -11.93 0.93 18.39
CA LEU A 217 -11.19 0.79 17.15
C LEU A 217 -10.48 2.10 16.76
N ILE A 218 -11.18 3.22 16.89
CA ILE A 218 -10.59 4.51 16.58
C ILE A 218 -9.41 4.83 17.49
N LEU A 219 -9.54 4.55 18.78
CA LEU A 219 -8.49 4.92 19.74
C LEU A 219 -7.29 3.98 19.62
N VAL A 220 -7.57 2.72 19.28
CA VAL A 220 -6.52 1.72 19.05
C VAL A 220 -5.72 2.05 17.80
N ALA A 221 -6.41 2.36 16.70
CA ALA A 221 -5.76 2.76 15.45
C ALA A 221 -4.94 4.04 15.60
N LYS A 222 -5.44 4.98 16.39
CA LYS A 222 -4.74 6.23 16.68
C LYS A 222 -3.45 5.98 17.45
N SER A 223 -3.53 5.12 18.46
CA SER A 223 -2.39 4.77 19.29
C SER A 223 -1.33 4.02 18.48
N VAL A 224 -1.78 3.11 17.62
CA VAL A 224 -0.86 2.32 16.83
C VAL A 224 -0.18 3.20 15.80
N GLN A 225 -0.91 4.17 15.25
CA GLN A 225 -0.35 5.04 14.22
C GLN A 225 0.76 5.94 14.79
N ASN A 226 0.53 6.44 16.01
CA ASN A 226 1.57 7.24 16.68
C ASN A 226 2.82 6.42 17.01
N LEU A 227 2.63 5.20 17.53
CA LEU A 227 3.77 4.27 17.72
C LEU A 227 4.46 3.98 16.39
N ALA A 228 3.69 3.79 15.33
CA ALA A 228 4.24 3.53 14.01
C ALA A 228 5.09 4.69 13.50
N ASN A 229 4.72 5.90 13.89
CA ASN A 229 5.46 7.11 13.53
C ASN A 229 6.52 7.47 14.58
N LEU A 230 6.61 6.64 15.62
CA LEU A 230 7.59 6.83 16.68
C LEU A 230 7.48 8.21 17.32
N VAL A 231 6.25 8.64 17.61
CA VAL A 231 6.01 9.94 18.25
C VAL A 231 4.95 9.87 19.34
N GLU A 232 5.23 10.55 20.47
CA GLU A 232 4.25 10.67 21.54
C GLU A 232 3.17 11.69 21.18
N PHE A 233 1.99 11.51 21.76
CA PHE A 233 0.94 12.50 21.67
C PHE A 233 1.34 13.75 22.44
N GLY A 234 1.19 14.90 21.81
CA GLY A 234 1.51 16.16 22.48
C GLY A 234 0.33 16.81 23.16
N ALA A 235 0.53 18.02 23.67
CA ALA A 235 -0.50 18.74 24.40
C ALA A 235 -1.71 19.14 23.56
N LYS A 236 -1.58 19.10 22.24
CA LYS A 236 -2.73 19.34 21.37
C LYS A 236 -3.66 18.12 21.32
N GLU A 237 -3.20 16.98 21.82
CA GLU A 237 -4.04 15.80 21.94
C GLU A 237 -4.14 15.36 23.39
N PRO A 238 -4.79 16.18 24.23
CA PRO A 238 -4.60 16.16 25.69
C PRO A 238 -4.95 14.81 26.31
N TYR A 239 -6.05 14.22 25.86
CA TYR A 239 -6.55 12.99 26.47
C TYR A 239 -5.79 11.74 26.05
N MET A 240 -5.04 11.85 24.95
CA MET A 240 -4.24 10.74 24.44
C MET A 240 -2.91 10.60 25.17
N GLU A 241 -2.59 11.56 26.04
CA GLU A 241 -1.33 11.58 26.79
C GLU A 241 -1.07 10.34 27.67
N GLY A 242 -2.14 9.69 28.12
CA GLY A 242 -1.99 8.51 28.96
C GLY A 242 -1.43 7.31 28.23
N VAL A 243 -1.39 7.39 26.90
CA VAL A 243 -0.87 6.32 26.06
C VAL A 243 0.64 6.51 25.79
N ASN A 244 1.16 7.67 26.17
CA ASN A 244 2.56 8.02 25.91
C ASN A 244 3.59 7.09 26.54
N PRO A 245 3.39 6.66 27.80
CA PRO A 245 4.25 5.63 28.38
C PRO A 245 4.34 4.38 27.53
N PHE A 246 3.20 3.93 27.01
CA PHE A 246 3.13 2.76 26.12
C PHE A 246 3.95 2.95 24.86
N ILE A 247 3.76 4.10 24.21
CA ILE A 247 4.53 4.44 23.01
C ILE A 247 6.05 4.49 23.30
N LYS A 248 6.44 5.19 24.37
CA LYS A 248 7.84 5.34 24.69
C LYS A 248 8.52 3.99 24.89
N SER A 249 7.89 3.12 25.67
CA SER A 249 8.48 1.83 26.02
C SER A 249 8.51 0.85 24.84
N ASN A 250 7.72 1.15 23.81
CA ASN A 250 7.56 0.23 22.70
C ASN A 250 8.20 0.70 21.41
N LYS A 251 8.84 1.86 21.46
CA LYS A 251 9.44 2.46 20.27
C LYS A 251 10.57 1.61 19.67
N HIS A 252 11.36 0.97 20.55
CA HIS A 252 12.48 0.17 20.08
C HIS A 252 11.99 -1.12 19.41
N ARG A 253 10.94 -1.71 19.98
CA ARG A 253 10.30 -2.89 19.37
C ARG A 253 9.73 -2.56 18.00
N MET A 254 9.15 -1.37 17.85
CA MET A 254 8.61 -0.91 16.57
C MET A 254 9.72 -0.76 15.53
N ILE A 255 10.83 -0.17 15.95
CA ILE A 255 11.98 0.03 15.08
C ILE A 255 12.58 -1.30 14.62
N MET A 256 12.68 -2.25 15.54
CA MET A 256 13.22 -3.56 15.20
C MET A 256 12.31 -4.26 14.18
N PHE A 257 11.00 -4.16 14.39
CA PHE A 257 10.02 -4.74 13.50
C PHE A 257 10.13 -4.16 12.09
N LEU A 258 10.16 -2.84 12.01
CA LEU A 258 10.19 -2.15 10.72
C LEU A 258 11.49 -2.40 9.99
N ASP A 259 12.59 -2.41 10.74
CA ASP A 259 13.88 -2.63 10.13
C ASP A 259 13.96 -3.98 9.46
N GLU A 260 13.62 -5.02 10.21
CA GLU A 260 13.79 -6.40 9.76
C GLU A 260 12.71 -6.85 8.78
N LEU A 261 11.63 -6.08 8.68
CA LEU A 261 10.56 -6.40 7.75
C LEU A 261 11.06 -6.47 6.31
N GLY A 262 12.10 -5.71 6.01
CA GLY A 262 12.60 -5.65 4.65
C GLY A 262 13.79 -6.56 4.36
N ASN A 263 14.06 -7.52 5.25
CA ASN A 263 15.32 -8.26 5.23
C ASN A 263 15.26 -9.46 4.28
N VAL A 264 14.69 -9.27 3.11
CA VAL A 264 14.73 -10.28 2.07
C VAL A 264 15.48 -9.69 0.87
N PRO A 265 16.78 -10.02 0.74
CA PRO A 265 17.69 -9.37 -0.19
C PRO A 265 17.44 -9.76 -1.64
N GLU A 266 17.03 -11.00 -1.84
CA GLU A 266 16.86 -11.55 -3.18
C GLU A 266 15.39 -11.73 -3.54
N LEU A 267 15.08 -11.62 -4.84
CA LEU A 267 13.73 -11.85 -5.31
C LEU A 267 13.37 -13.32 -5.15
N PRO A 268 12.37 -13.62 -4.32
CA PRO A 268 11.84 -14.97 -4.18
C PRO A 268 11.09 -15.44 -5.44
N ASP A 269 9.86 -14.95 -5.62
CA ASP A 269 9.14 -15.00 -6.88
C ASP A 269 8.47 -16.34 -7.24
N THR A 270 9.03 -17.45 -6.76
CA THR A 270 8.60 -18.77 -7.20
C THR A 270 7.08 -18.99 -7.08
N THR A 271 6.45 -19.19 -8.24
CA THR A 271 5.03 -19.54 -8.32
C THR A 271 4.80 -20.44 -9.53
N GLU A 272 5.90 -20.81 -10.18
CA GLU A 272 5.92 -21.71 -11.34
C GLU A 272 5.37 -21.11 -12.63
N HIS A 273 4.06 -21.25 -12.86
CA HIS A 273 3.49 -20.94 -14.18
C HIS A 273 2.02 -20.54 -14.10
N SER A 274 1.76 -19.24 -14.26
CA SER A 274 0.39 -18.75 -14.32
C SER A 274 0.09 -18.07 -15.65
N ARG A 275 -0.36 -18.85 -16.62
CA ARG A 275 -0.81 -18.29 -17.89
C ARG A 275 -2.25 -18.67 -18.26
N THR A 276 -3.20 -18.13 -17.51
CA THR A 276 -4.57 -17.97 -17.98
C THR A 276 -4.56 -16.88 -19.07
N ASP A 277 -5.61 -16.83 -19.88
CA ASP A 277 -5.69 -15.85 -20.96
C ASP A 277 -5.66 -14.40 -20.43
N LEU A 278 -4.76 -13.61 -20.99
CA LEU A 278 -4.50 -12.25 -20.49
C LEU A 278 -5.08 -11.16 -21.40
N SER A 279 -5.54 -11.55 -22.58
CA SER A 279 -5.97 -10.58 -23.59
C SER A 279 -7.11 -9.67 -23.12
N ARG A 280 -7.88 -10.14 -22.15
CA ARG A 280 -8.94 -9.33 -21.56
C ARG A 280 -8.39 -8.06 -20.90
N ASP A 281 -7.35 -8.23 -20.10
CA ASP A 281 -6.73 -7.08 -19.44
C ASP A 281 -5.87 -6.25 -20.36
N LEU A 282 -5.22 -6.91 -21.32
CA LEU A 282 -4.51 -6.20 -22.37
C LEU A 282 -5.46 -5.34 -23.21
N ALA A 283 -6.67 -5.84 -23.43
CA ALA A 283 -7.69 -5.08 -24.16
C ALA A 283 -8.16 -3.87 -23.35
N ALA A 284 -8.25 -4.04 -22.03
CA ALA A 284 -8.65 -2.98 -21.13
C ALA A 284 -7.64 -1.84 -21.17
N LEU A 285 -6.37 -2.19 -21.16
CA LEU A 285 -5.32 -1.18 -21.17
C LEU A 285 -5.26 -0.48 -22.54
N HIS A 286 -5.48 -1.26 -23.60
CA HIS A 286 -5.54 -0.69 -24.95
C HIS A 286 -6.66 0.34 -25.09
N GLU A 287 -7.81 0.06 -24.47
CA GLU A 287 -8.95 1.00 -24.46
C GLU A 287 -8.53 2.33 -23.85
N ILE A 288 -7.68 2.26 -22.82
CA ILE A 288 -7.21 3.46 -22.13
C ILE A 288 -6.31 4.27 -23.03
N CYS A 289 -5.38 3.60 -23.72
CA CYS A 289 -4.51 4.26 -24.70
C CYS A 289 -5.34 4.91 -25.81
N VAL A 290 -6.41 4.23 -26.24
CA VAL A 290 -7.28 4.77 -27.28
C VAL A 290 -8.06 5.96 -26.75
N ALA A 291 -8.57 5.84 -25.53
CA ALA A 291 -9.36 6.90 -24.91
C ALA A 291 -8.53 8.17 -24.73
N HIS A 292 -7.22 7.98 -24.60
CA HIS A 292 -6.28 9.08 -24.36
C HIS A 292 -5.26 9.23 -25.49
N SER A 293 -5.60 8.71 -26.67
CA SER A 293 -4.75 8.84 -27.85
C SER A 293 -4.27 10.26 -28.05
N ASP A 294 -5.18 11.21 -27.82
CA ASP A 294 -4.93 12.65 -27.98
C ASP A 294 -3.83 13.17 -27.07
N GLU A 295 -3.91 12.80 -25.80
CA GLU A 295 -2.92 13.17 -24.81
C GLU A 295 -1.57 12.49 -25.04
N LEU A 296 -1.60 11.18 -25.27
CA LEU A 296 -0.37 10.40 -25.45
C LEU A 296 0.41 10.84 -26.67
N ARG A 297 -0.31 11.28 -27.70
CA ARG A 297 0.31 11.80 -28.91
C ARG A 297 1.02 13.12 -28.59
N THR A 298 0.42 13.91 -27.71
CA THR A 298 1.07 15.11 -27.19
C THR A 298 2.34 14.77 -26.41
N LEU A 299 2.26 13.77 -25.53
CA LEU A 299 3.41 13.33 -24.76
C LEU A 299 4.52 12.73 -25.63
N SER A 300 4.11 12.09 -26.73
CA SER A 300 5.07 11.44 -27.63
C SER A 300 5.90 12.45 -28.42
N ASN A 301 5.43 13.69 -28.50
CA ASN A 301 6.14 14.74 -29.25
C ASN A 301 7.27 15.38 -28.47
N GLU A 302 7.55 14.86 -27.26
CA GLU A 302 8.64 15.35 -26.45
C GLU A 302 9.87 14.49 -26.68
N ARG A 303 11.00 15.13 -26.99
CA ARG A 303 12.26 14.42 -27.15
C ARG A 303 12.69 13.80 -25.83
N GLY A 304 13.56 12.80 -25.90
CA GLY A 304 13.96 12.11 -24.70
C GLY A 304 13.88 10.60 -24.86
N ALA A 305 14.26 9.89 -23.81
CA ALA A 305 14.35 8.44 -23.86
C ALA A 305 12.99 7.78 -24.02
N GLN A 306 11.95 8.45 -23.56
CA GLN A 306 10.59 7.89 -23.66
C GLN A 306 10.02 7.97 -25.08
N GLN A 307 10.60 8.83 -25.92
CA GLN A 307 9.97 9.18 -27.18
C GLN A 307 9.88 8.00 -28.13
N HIS A 308 10.93 7.18 -28.17
CA HIS A 308 10.97 5.99 -29.01
C HIS A 308 9.75 5.10 -28.74
N VAL A 309 9.57 4.78 -27.47
CA VAL A 309 8.53 3.85 -27.03
C VAL A 309 7.14 4.41 -27.29
N LEU A 310 6.96 5.71 -27.07
CA LEU A 310 5.65 6.33 -27.14
C LEU A 310 5.10 6.47 -28.55
N LYS A 311 5.97 6.78 -29.50
CA LYS A 311 5.62 6.76 -30.92
C LYS A 311 5.27 5.33 -31.32
N LYS A 312 6.04 4.39 -30.79
CA LYS A 312 5.78 2.97 -30.98
C LYS A 312 4.44 2.58 -30.38
N LEU A 313 4.10 3.18 -29.23
CA LEU A 313 2.85 2.88 -28.55
C LEU A 313 1.65 3.32 -29.37
N LEU A 314 1.70 4.55 -29.89
CA LEU A 314 0.60 5.11 -30.68
C LEU A 314 0.39 4.30 -31.97
N ALA A 315 1.51 3.93 -32.60
CA ALA A 315 1.48 3.00 -33.71
C ALA A 315 0.70 1.73 -33.36
N ILE A 316 1.16 1.01 -32.33
CA ILE A 316 0.53 -0.23 -31.91
C ILE A 316 -0.96 -0.04 -31.60
N THR A 317 -1.27 1.10 -30.98
CA THR A 317 -2.64 1.42 -30.59
C THR A 317 -3.56 1.55 -31.80
N GLU A 318 -3.02 2.11 -32.89
CA GLU A 318 -3.77 2.30 -34.12
C GLU A 318 -3.96 0.99 -34.87
N LEU A 319 -2.92 0.17 -34.91
CA LEU A 319 -2.99 -1.14 -35.56
C LEU A 319 -3.99 -2.09 -34.88
N LEU A 320 -3.99 -2.12 -33.56
CA LEU A 320 -4.93 -2.96 -32.82
C LEU A 320 -6.34 -2.41 -33.01
N GLN A 321 -6.45 -1.11 -33.25
CA GLN A 321 -7.75 -0.52 -33.58
C GLN A 321 -8.17 -0.81 -35.02
N GLN A 322 -7.19 -1.12 -35.86
CA GLN A 322 -7.47 -1.55 -37.22
C GLN A 322 -7.98 -2.99 -37.18
N LYS A 323 -7.20 -3.88 -36.55
CA LYS A 323 -7.55 -5.30 -36.47
C LYS A 323 -8.89 -5.52 -35.79
N GLN A 324 -9.30 -4.55 -34.98
CA GLN A 324 -10.52 -4.65 -34.20
C GLN A 324 -11.76 -4.52 -35.07
N ASN A 325 -11.96 -3.34 -35.65
CA ASN A 325 -13.19 -3.04 -36.37
C ASN A 325 -13.08 -3.35 -37.87
N GLN A 326 -12.11 -4.16 -38.25
CA GLN A 326 -11.90 -4.57 -39.64
C GLN A 326 -13.09 -5.34 -40.19
N TYR A 327 -13.39 -5.17 -41.48
CA TYR A 327 -14.33 -6.04 -42.18
C TYR A 327 -13.84 -7.48 -42.12
N THR A 328 -14.72 -8.37 -41.69
CA THR A 328 -14.49 -9.81 -41.77
C THR A 328 -15.79 -10.47 -42.24
#